data_6TOY
#
_entry.id   6TOY
#
_cell.length_a   83.500
_cell.length_b   83.500
_cell.length_c   188.510
_cell.angle_alpha   90.000
_cell.angle_beta   90.000
_cell.angle_gamma   90.000
#
_symmetry.space_group_name_H-M   'P 43 21 2'
#
loop_
_entity.id
_entity.type
_entity.pdbx_description
1 polymer Amylase
2 non-polymer 'CALCIUM ION'
3 non-polymer 'SODIUM ION'
4 non-polymer 'MALONATE ION'
5 non-polymer 'FORMIC ACID'
6 non-polymer 'ACETIC ACID'
7 water water
#
_entity_poly.entity_id   1
_entity_poly.type   'polypeptide(L)'
_entity_poly.pdbx_seq_one_letter_code
;ASLNGTLMQYFEWYMPNDGQHWKRLQNDSAYLAEHGITAVWIPPAYKGTSQDDVGYGAYDLYDLGEFHQKGTVRTKYGTK
GELQSAINSLHSRDINVYGDVVINHKGGADATEYVTAVEVDPADRNRVTSGEQRIKAWTHFQFPGRGSTYSDFKWYWYHF
DGTDWDESRKLNRIYKFQGKAWDWEVSNENGNYDYLMYADIDYDHPDVTAEIKRWGTWYANELQLDGFRLDAVKHIKFSF
LRDWVNHVREKTGKEMFTVAEYWQNDLGALENYLNKTNFNHSVFDVPLHYQFHAASTQGGGYDMRKLLNGTVVSKHPVKA
VTFVDNHDTQPGQSLESTVQTWFKPLAYAFILTREAGYPQIFYGDMYGTKGASQREIPALKHKIEPILKARKQYAYGAQH
DYFDHHNIVGWTREGDSSVANSGLAALITDGPGGTKRMYVGRQNAGETWHDITGNRSDSVVINAEGWGEFHVNGGSVSIY
VQR
;
_entity_poly.pdbx_strand_id   A
#
loop_
_chem_comp.id
_chem_comp.type
_chem_comp.name
_chem_comp.formula
ACY non-polymer 'ACETIC ACID' 'C2 H4 O2'
CA non-polymer 'CALCIUM ION' 'Ca 2'
FMT non-polymer 'FORMIC ACID' 'C H2 O2'
MLI non-polymer 'MALONATE ION' 'C3 H2 O4 -2'
NA non-polymer 'SODIUM ION' 'Na 1'
#
# COMPACT_ATOMS: atom_id res chain seq x y z
N LEU A 3 -1.87 -12.69 -18.05
CA LEU A 3 -1.93 -13.56 -16.88
C LEU A 3 -1.24 -12.97 -15.64
N ASN A 4 -0.12 -12.23 -15.74
CA ASN A 4 0.50 -11.65 -14.51
C ASN A 4 -0.39 -10.50 -13.99
N GLY A 5 -0.61 -10.46 -12.70
CA GLY A 5 -1.41 -9.41 -12.09
C GLY A 5 -0.52 -8.26 -11.59
N THR A 6 -1.02 -7.04 -11.74
CA THR A 6 -0.33 -5.85 -11.29
C THR A 6 -1.30 -4.91 -10.61
N LEU A 7 -0.93 -4.50 -9.40
CA LEU A 7 -1.72 -3.60 -8.59
C LEU A 7 -1.30 -2.16 -8.87
N MET A 8 -2.21 -1.20 -8.69
CA MET A 8 -1.79 0.22 -8.65
C MET A 8 -2.43 0.90 -7.45
N GLN A 9 -1.62 1.57 -6.64
CA GLN A 9 -2.12 2.48 -5.62
C GLN A 9 -2.58 3.72 -6.35
N TYR A 10 -3.88 3.98 -6.39
CA TYR A 10 -4.39 5.03 -7.27
C TYR A 10 -4.69 6.31 -6.51
N PHE A 11 -3.62 6.85 -5.93
CA PHE A 11 -3.57 8.20 -5.30
C PHE A 11 -2.18 8.49 -4.76
N GLU A 12 -1.92 9.76 -4.50
CA GLU A 12 -0.77 10.19 -3.71
C GLU A 12 -1.27 11.28 -2.74
N TRP A 13 -0.43 11.65 -1.78
CA TRP A 13 -0.89 12.48 -0.68
C TRP A 13 -1.39 13.86 -1.09
N TYR A 14 -0.68 14.48 -2.02
CA TYR A 14 -0.85 15.90 -2.33
C TYR A 14 -1.71 16.22 -3.52
N MET A 15 -2.50 15.27 -3.98
CA MET A 15 -3.44 15.50 -5.07
C MET A 15 -4.37 16.69 -4.76
N PRO A 16 -4.80 17.43 -5.80
CA PRO A 16 -5.63 18.61 -5.49
C PRO A 16 -7.02 18.23 -4.98
N ASN A 17 -7.50 19.04 -4.05
CA ASN A 17 -8.84 18.87 -3.51
C ASN A 17 -9.87 19.56 -4.42
N ASP A 18 -10.07 19.01 -5.61
CA ASP A 18 -11.05 19.51 -6.57
C ASP A 18 -12.26 18.58 -6.77
N GLY A 19 -12.28 17.45 -6.11
CA GLY A 19 -13.43 16.54 -6.16
C GLY A 19 -13.60 15.73 -7.44
N GLN A 20 -12.57 15.69 -8.26
CA GLN A 20 -12.60 15.03 -9.56
C GLN A 20 -11.81 13.72 -9.63
N HIS A 21 -11.25 13.28 -8.53
CA HIS A 21 -10.40 12.10 -8.55
C HIS A 21 -11.16 10.86 -9.03
N TRP A 22 -12.37 10.62 -8.54
CA TRP A 22 -13.13 9.45 -8.99
C TRP A 22 -13.40 9.51 -10.50
N LYS A 23 -13.76 10.69 -10.99
CA LYS A 23 -13.97 10.88 -12.44
C LYS A 23 -12.70 10.65 -13.25
N ARG A 24 -11.57 11.09 -12.70
CA ARG A 24 -10.27 10.81 -13.29
C ARG A 24 -9.95 9.34 -13.37
N LEU A 25 -10.25 8.63 -12.29
CA LEU A 25 -10.10 7.19 -12.24
C LEU A 25 -11.00 6.53 -13.29
N GLN A 26 -12.26 6.93 -13.35
CA GLN A 26 -13.14 6.40 -14.38
C GLN A 26 -12.52 6.56 -15.79
N ASN A 27 -12.01 7.75 -16.06
CA ASN A 27 -11.44 8.08 -17.38
C ASN A 27 -10.10 7.42 -17.68
N ASP A 28 -9.40 6.95 -16.64
CA ASP A 28 -8.11 6.32 -16.80
C ASP A 28 -8.28 4.81 -16.97
N SER A 29 -9.50 4.29 -16.86
CA SER A 29 -9.66 2.83 -16.81
C SER A 29 -9.17 2.10 -18.10
N ALA A 30 -9.42 2.68 -19.27
CA ALA A 30 -8.93 2.07 -20.52
C ALA A 30 -7.39 2.05 -20.57
N TYR A 31 -6.76 3.17 -20.23
CA TYR A 31 -5.32 3.20 -20.12
C TYR A 31 -4.81 2.14 -19.14
N LEU A 32 -5.44 2.03 -17.96
CA LEU A 32 -4.94 1.07 -16.96
C LEU A 32 -5.02 -0.36 -17.50
N ALA A 33 -6.18 -0.73 -18.01
CA ALA A 33 -6.39 -2.06 -18.53
C ALA A 33 -5.42 -2.37 -19.66
N GLU A 34 -5.22 -1.40 -20.56
CA GLU A 34 -4.30 -1.57 -21.70
C GLU A 34 -2.87 -1.83 -21.24
N HIS A 35 -2.45 -1.19 -20.14
CA HIS A 35 -1.08 -1.32 -19.69
C HIS A 35 -0.88 -2.44 -18.66
N GLY A 36 -1.87 -3.30 -18.48
CA GLY A 36 -1.71 -4.50 -17.68
C GLY A 36 -2.04 -4.36 -16.20
N ILE A 37 -2.61 -3.22 -15.78
CA ILE A 37 -3.05 -3.06 -14.38
C ILE A 37 -4.28 -3.91 -14.22
N THR A 38 -4.31 -4.79 -13.21
CA THR A 38 -5.45 -5.69 -12.95
C THR A 38 -6.21 -5.42 -11.63
N ALA A 39 -5.69 -4.51 -10.81
CA ALA A 39 -6.35 -4.11 -9.59
C ALA A 39 -5.88 -2.74 -9.19
N VAL A 40 -6.77 -1.95 -8.60
CA VAL A 40 -6.40 -0.66 -8.04
C VAL A 40 -6.79 -0.60 -6.56
N TRP A 41 -5.87 -0.06 -5.77
CA TRP A 41 -6.12 0.29 -4.39
C TRP A 41 -6.50 1.78 -4.43
N ILE A 42 -7.74 2.06 -4.06
CA ILE A 42 -8.31 3.41 -4.03
C ILE A 42 -8.17 3.99 -2.62
N PRO A 43 -7.99 5.32 -2.53
CA PRO A 43 -7.91 5.91 -1.19
C PRO A 43 -9.18 5.73 -0.34
N PRO A 44 -9.08 6.01 0.97
CA PRO A 44 -10.27 5.82 1.78
C PRO A 44 -11.41 6.63 1.20
N ALA A 45 -12.57 5.98 1.01
CA ALA A 45 -13.68 6.55 0.24
C ALA A 45 -14.72 7.27 1.11
N TYR A 46 -14.52 7.29 2.43
CA TYR A 46 -15.51 7.81 3.42
C TYR A 46 -15.06 9.16 3.97
N LYS A 47 -16.02 9.90 4.49
CA LYS A 47 -15.85 11.23 5.02
C LYS A 47 -14.80 11.30 6.12
N GLY A 48 -13.85 12.19 5.92
CA GLY A 48 -12.82 12.51 6.92
C GLY A 48 -13.21 13.69 7.79
N THR A 49 -12.21 14.32 8.40
CA THR A 49 -12.46 15.43 9.32
C THR A 49 -12.72 16.73 8.58
N SER A 50 -12.46 16.75 7.28
CA SER A 50 -12.71 17.91 6.44
C SER A 50 -12.75 17.42 5.02
N GLN A 51 -13.14 18.31 4.11
CA GLN A 51 -13.21 17.94 2.72
C GLN A 51 -11.85 17.54 2.17
N ASP A 52 -10.79 18.21 2.63
CA ASP A 52 -9.41 17.97 2.15
C ASP A 52 -8.61 16.86 2.87
N ASP A 53 -9.27 16.09 3.73
CA ASP A 53 -8.67 14.93 4.37
C ASP A 53 -8.29 13.91 3.27
N VAL A 54 -7.10 13.34 3.34
CA VAL A 54 -6.64 12.36 2.34
C VAL A 54 -7.48 11.09 2.54
N GLY A 55 -8.02 10.94 3.75
CA GLY A 55 -8.99 9.88 4.07
C GLY A 55 -8.71 9.11 5.32
N TYR A 56 -7.54 9.31 5.93
CA TYR A 56 -7.16 8.60 7.14
C TYR A 56 -7.76 9.19 8.43
N GLY A 57 -8.48 10.29 8.30
CA GLY A 57 -9.22 10.86 9.42
C GLY A 57 -10.33 9.98 9.92
N ALA A 58 -11.08 9.40 8.98
CA ALA A 58 -12.09 8.39 9.31
C ALA A 58 -13.21 8.89 10.25
N TYR A 59 -13.83 9.99 9.87
CA TYR A 59 -14.97 10.49 10.63
C TYR A 59 -16.22 9.57 10.56
N ASP A 60 -16.67 9.29 9.33
CA ASP A 60 -17.90 8.54 9.13
C ASP A 60 -17.75 7.50 8.02
N LEU A 61 -17.61 6.24 8.42
CA LEU A 61 -17.39 5.12 7.52
C LEU A 61 -18.60 4.80 6.64
N TYR A 62 -19.78 5.29 7.01
CA TYR A 62 -21.01 5.10 6.22
C TYR A 62 -21.37 6.27 5.31
N ASP A 63 -20.50 7.28 5.26
CA ASP A 63 -20.66 8.47 4.41
C ASP A 63 -19.61 8.44 3.31
N LEU A 64 -19.96 7.86 2.17
CA LEU A 64 -19.00 7.67 1.08
C LEU A 64 -19.01 8.86 0.13
N GLY A 65 -19.15 10.07 0.68
CA GLY A 65 -19.44 11.24 -0.16
C GLY A 65 -20.90 11.35 -0.51
N GLU A 66 -21.75 11.11 0.48
CA GLU A 66 -23.19 11.10 0.28
C GLU A 66 -23.97 12.08 1.16
N PHE A 67 -23.42 12.46 2.32
CA PHE A 67 -24.13 13.28 3.28
C PHE A 67 -23.35 14.55 3.51
N HIS A 68 -24.06 15.62 3.85
CA HIS A 68 -23.42 16.89 4.08
C HIS A 68 -22.93 16.88 5.51
N GLN A 69 -21.64 16.56 5.66
CA GLN A 69 -21.00 16.44 6.98
C GLN A 69 -19.57 16.96 6.83
N LYS A 70 -19.10 17.71 7.83
CA LYS A 70 -17.77 18.35 7.79
C LYS A 70 -17.58 19.36 6.68
N GLY A 71 -18.63 20.11 6.40
CA GLY A 71 -18.57 21.19 5.42
C GLY A 71 -18.70 20.76 3.97
N THR A 72 -19.11 19.52 3.73
CA THR A 72 -19.12 19.04 2.35
C THR A 72 -19.97 17.79 2.20
N VAL A 73 -20.50 17.58 1.00
CA VAL A 73 -21.11 16.29 0.66
C VAL A 73 -20.01 15.34 0.14
N ARG A 74 -19.33 15.76 -0.90
CA ARG A 74 -18.24 14.96 -1.44
C ARG A 74 -17.10 14.78 -0.44
N THR A 75 -16.40 13.65 -0.56
CA THR A 75 -15.08 13.52 0.06
C THR A 75 -14.09 14.33 -0.78
N LYS A 76 -12.82 14.31 -0.40
CA LYS A 76 -11.79 14.92 -1.29
C LYS A 76 -11.89 14.45 -2.72
N TYR A 77 -12.29 13.21 -2.91
CA TYR A 77 -12.14 12.52 -4.18
C TYR A 77 -13.37 12.58 -5.04
N GLY A 78 -14.52 12.90 -4.45
CA GLY A 78 -15.79 13.05 -5.19
C GLY A 78 -16.95 12.46 -4.42
N THR A 79 -18.02 12.15 -5.13
CA THR A 79 -19.24 11.64 -4.55
C THR A 79 -19.28 10.12 -4.58
N LYS A 80 -20.18 9.55 -3.79
CA LYS A 80 -20.43 8.11 -3.84
C LYS A 80 -20.77 7.63 -5.24
N GLY A 81 -21.67 8.34 -5.90
CA GLY A 81 -22.10 7.97 -7.23
C GLY A 81 -20.95 7.97 -8.23
N GLU A 82 -20.09 9.00 -8.15
CA GLU A 82 -18.91 9.09 -8.99
C GLU A 82 -17.93 7.95 -8.76
N LEU A 83 -17.73 7.57 -7.51
CA LEU A 83 -16.90 6.43 -7.18
C LEU A 83 -17.51 5.13 -7.73
N GLN A 84 -18.81 4.95 -7.53
CA GLN A 84 -19.51 3.75 -8.03
C GLN A 84 -19.42 3.64 -9.57
N SER A 85 -19.56 4.77 -10.28
CA SER A 85 -19.33 4.79 -11.73
C SER A 85 -17.89 4.45 -12.13
N ALA A 86 -16.91 4.98 -11.41
CA ALA A 86 -15.50 4.62 -11.64
C ALA A 86 -15.29 3.11 -11.45
N ILE A 87 -15.88 2.55 -10.40
CA ILE A 87 -15.74 1.11 -10.14
C ILE A 87 -16.40 0.25 -11.24
N ASN A 88 -17.54 0.73 -11.69
CA ASN A 88 -18.26 0.08 -12.77
C ASN A 88 -17.41 0.08 -14.07
N SER A 89 -16.71 1.16 -14.36
CA SER A 89 -15.85 1.22 -15.55
C SER A 89 -14.63 0.32 -15.42
N LEU A 90 -14.00 0.35 -14.23
CA LEU A 90 -12.89 -0.52 -13.93
C LEU A 90 -13.32 -1.98 -14.05
N HIS A 91 -14.40 -2.39 -13.36
CA HIS A 91 -14.92 -3.76 -13.52
C HIS A 91 -15.20 -4.16 -14.98
N SER A 92 -15.73 -3.26 -15.81
CA SER A 92 -16.04 -3.61 -17.18
C SER A 92 -14.76 -3.97 -17.95
N ARG A 93 -13.64 -3.44 -17.50
CA ARG A 93 -12.34 -3.84 -18.05
C ARG A 93 -11.57 -4.87 -17.20
N ASP A 94 -12.24 -5.66 -16.36
CA ASP A 94 -11.60 -6.68 -15.49
C ASP A 94 -10.48 -6.14 -14.62
N ILE A 95 -10.69 -4.94 -14.10
CA ILE A 95 -9.81 -4.36 -13.09
C ILE A 95 -10.55 -4.50 -11.77
N ASN A 96 -9.90 -5.18 -10.83
CA ASN A 96 -10.41 -5.32 -9.47
C ASN A 96 -10.14 -4.06 -8.67
N VAL A 97 -10.92 -3.85 -7.63
CA VAL A 97 -10.84 -2.69 -6.78
C VAL A 97 -10.72 -3.09 -5.31
N TYR A 98 -9.65 -2.60 -4.68
CA TYR A 98 -9.40 -2.82 -3.27
C TYR A 98 -9.66 -1.52 -2.51
N GLY A 99 -10.60 -1.61 -1.57
CA GLY A 99 -10.95 -0.50 -0.72
C GLY A 99 -10.04 -0.36 0.50
N ASP A 100 -9.70 0.89 0.79
CA ASP A 100 -8.88 1.19 1.96
C ASP A 100 -9.77 1.13 3.22
N VAL A 101 -9.28 0.44 4.24
CA VAL A 101 -10.03 0.19 5.46
C VAL A 101 -9.25 0.85 6.60
N VAL A 102 -9.81 1.94 7.11
CA VAL A 102 -9.22 2.74 8.20
C VAL A 102 -10.06 2.56 9.47
N ILE A 103 -9.67 1.60 10.29
CA ILE A 103 -10.48 1.20 11.46
C ILE A 103 -9.68 1.23 12.76
N ASN A 104 -8.50 1.84 12.73
CA ASN A 104 -7.73 2.04 13.96
C ASN A 104 -8.36 3.05 14.91
N HIS A 105 -8.94 4.09 14.32
CA HIS A 105 -9.28 5.27 15.08
C HIS A 105 -10.44 5.95 14.39
N LYS A 106 -11.01 6.94 15.07
CA LYS A 106 -12.00 7.86 14.48
C LYS A 106 -11.60 9.29 14.82
N GLY A 107 -11.58 10.14 13.80
CA GLY A 107 -11.23 11.55 13.94
C GLY A 107 -12.45 12.41 13.73
N GLY A 108 -12.38 13.64 14.19
CA GLY A 108 -13.38 14.66 13.87
C GLY A 108 -14.73 14.51 14.54
N ALA A 109 -14.72 14.01 15.77
CA ALA A 109 -15.95 13.82 16.53
C ALA A 109 -16.79 15.08 16.59
N ASP A 110 -18.11 14.90 16.60
CA ASP A 110 -19.05 16.01 16.55
C ASP A 110 -19.01 16.83 17.82
N ALA A 111 -18.71 16.18 18.96
CA ALA A 111 -18.70 16.87 20.26
C ALA A 111 -17.70 16.21 21.23
N THR A 112 -17.31 16.97 22.24
CA THR A 112 -16.49 16.46 23.31
C THR A 112 -17.38 15.80 24.35
N GLU A 113 -16.76 14.94 25.14
CA GLU A 113 -17.38 14.43 26.35
C GLU A 113 -16.35 14.58 27.48
N TYR A 114 -16.85 14.73 28.70
CA TYR A 114 -16.00 14.70 29.89
C TYR A 114 -15.68 13.26 30.20
N VAL A 115 -14.40 12.97 30.31
CA VAL A 115 -13.88 11.61 30.45
C VAL A 115 -12.81 11.61 31.53
N THR A 116 -12.85 10.61 32.39
CA THR A 116 -11.78 10.44 33.39
C THR A 116 -10.66 9.66 32.70
N ALA A 117 -9.43 10.12 32.81
CA ALA A 117 -8.32 9.49 32.13
C ALA A 117 -7.03 9.68 32.91
N VAL A 118 -6.00 8.94 32.49
CA VAL A 118 -4.64 9.12 33.00
C VAL A 118 -3.73 9.34 31.78
N GLU A 119 -2.66 10.10 31.97
CA GLU A 119 -1.64 10.21 30.92
C GLU A 119 -0.76 8.98 30.96
N VAL A 120 -0.25 8.61 29.78
CA VAL A 120 0.75 7.57 29.62
C VAL A 120 1.97 8.11 28.89
N ASP A 121 3.10 7.46 29.12
CA ASP A 121 4.38 7.85 28.53
C ASP A 121 4.33 7.55 27.04
N PRO A 122 4.56 8.57 26.17
CA PRO A 122 4.51 8.30 24.73
C PRO A 122 5.57 7.33 24.21
N ALA A 123 6.68 7.18 24.95
CA ALA A 123 7.72 6.20 24.66
C ALA A 123 7.45 4.82 25.28
N ASP A 124 6.49 4.72 26.19
CA ASP A 124 6.14 3.46 26.86
C ASP A 124 4.73 3.59 27.40
N ARG A 125 3.78 3.26 26.52
CA ARG A 125 2.38 3.52 26.76
C ARG A 125 1.79 2.63 27.83
N ASN A 126 2.55 1.61 28.27
CA ASN A 126 2.19 0.81 29.43
C ASN A 126 2.49 1.51 30.74
N ARG A 127 3.30 2.57 30.72
CA ARG A 127 3.67 3.29 31.94
C ARG A 127 2.70 4.49 32.10
N VAL A 128 2.02 4.56 33.23
CA VAL A 128 1.08 5.67 33.53
C VAL A 128 1.86 6.81 34.22
N THR A 129 1.61 8.05 33.82
CA THR A 129 2.40 9.23 34.23
C THR A 129 1.57 10.32 34.93
N SER A 130 0.32 9.99 35.26
CA SER A 130 -0.51 10.85 36.10
C SER A 130 -1.50 10.06 36.89
N GLY A 131 -2.04 10.71 37.90
CA GLY A 131 -3.28 10.25 38.52
C GLY A 131 -4.44 10.57 37.59
N GLU A 132 -5.63 10.20 38.04
CA GLU A 132 -6.82 10.40 37.25
C GLU A 132 -7.12 11.89 37.14
N GLN A 133 -7.57 12.29 35.97
CA GLN A 133 -7.93 13.67 35.74
C GLN A 133 -9.10 13.68 34.81
N ARG A 134 -9.85 14.77 34.88
CA ARG A 134 -11.01 14.98 34.05
C ARG A 134 -10.60 15.74 32.80
N ILE A 135 -10.83 15.16 31.62
CA ILE A 135 -10.49 15.79 30.33
C ILE A 135 -11.74 15.93 29.45
N LYS A 136 -11.64 16.76 28.42
CA LYS A 136 -12.68 16.90 27.38
C LYS A 136 -12.15 16.29 26.11
N ALA A 137 -12.65 15.11 25.75
CA ALA A 137 -12.10 14.34 24.66
C ALA A 137 -13.09 14.38 23.51
N TRP A 138 -12.56 14.42 22.29
CA TRP A 138 -13.36 14.39 21.06
C TRP A 138 -13.81 12.96 20.75
N THR A 139 -14.89 12.54 21.42
CA THR A 139 -15.35 11.14 21.35
C THR A 139 -16.81 10.92 20.98
N HIS A 140 -17.63 11.97 20.89
CA HIS A 140 -19.04 11.80 20.59
C HIS A 140 -19.32 11.93 19.09
N PHE A 141 -19.74 10.82 18.48
CA PHE A 141 -20.09 10.79 17.04
C PHE A 141 -21.59 10.54 16.90
N GLN A 142 -22.30 11.56 16.43
CA GLN A 142 -23.74 11.48 16.17
C GLN A 142 -24.11 11.49 14.68
N PHE A 143 -23.20 11.96 13.83
CA PHE A 143 -23.45 11.92 12.39
C PHE A 143 -24.72 12.69 12.04
N PRO A 144 -24.77 13.99 12.37
CA PRO A 144 -25.98 14.78 12.20
C PRO A 144 -26.41 14.94 10.75
N GLY A 145 -25.48 14.87 9.80
CA GLY A 145 -25.86 14.99 8.41
C GLY A 145 -26.41 13.71 7.86
N ARG A 146 -26.01 12.59 8.44
CA ARG A 146 -26.47 11.28 8.01
C ARG A 146 -27.68 10.77 8.81
N GLY A 147 -27.80 11.13 10.08
CA GLY A 147 -28.79 10.48 10.94
C GLY A 147 -28.55 8.97 10.97
N SER A 148 -29.63 8.18 10.92
CA SER A 148 -29.55 6.73 11.00
C SER A 148 -29.57 5.99 9.67
N THR A 149 -29.55 6.74 8.56
CA THR A 149 -29.48 6.15 7.24
C THR A 149 -28.26 5.21 7.20
N TYR A 150 -28.50 3.93 6.86
CA TYR A 150 -27.53 2.81 6.81
C TYR A 150 -27.07 2.20 8.13
N SER A 151 -27.04 2.99 9.21
CA SER A 151 -26.57 2.51 10.51
C SER A 151 -26.96 3.51 11.56
N ASP A 152 -27.66 3.05 12.60
CA ASP A 152 -27.98 3.89 13.74
C ASP A 152 -26.92 3.85 14.85
N PHE A 153 -25.79 3.17 14.63
CA PHE A 153 -24.70 3.10 15.64
C PHE A 153 -24.07 4.47 15.89
N LYS A 154 -24.07 4.87 17.17
CA LYS A 154 -23.45 6.11 17.61
C LYS A 154 -22.23 5.71 18.42
N TRP A 155 -21.22 6.56 18.40
CA TRP A 155 -19.97 6.29 19.14
C TRP A 155 -19.85 7.24 20.31
N TYR A 156 -19.29 6.74 21.40
CA TYR A 156 -19.13 7.49 22.64
C TYR A 156 -17.73 7.13 23.19
N TRP A 157 -17.28 7.86 24.20
CA TRP A 157 -15.93 7.66 24.79
C TRP A 157 -15.62 6.20 25.10
N TYR A 158 -16.64 5.48 25.55
CA TYR A 158 -16.46 4.10 25.99
C TYR A 158 -16.28 3.10 24.86
N HIS A 159 -16.35 3.56 23.60
CA HIS A 159 -15.96 2.74 22.48
C HIS A 159 -14.49 2.89 22.15
N PHE A 160 -13.76 3.76 22.88
CA PHE A 160 -12.37 4.03 22.64
C PHE A 160 -11.47 3.77 23.86
N ASP A 161 -10.21 3.48 23.61
CA ASP A 161 -9.25 3.31 24.69
C ASP A 161 -8.63 4.63 25.14
N GLY A 162 -8.60 5.61 24.23
CA GLY A 162 -7.86 6.84 24.49
C GLY A 162 -7.88 7.87 23.37
N THR A 163 -7.15 8.94 23.59
CA THR A 163 -7.13 10.09 22.71
C THR A 163 -5.83 10.82 22.98
N ASP A 164 -5.48 11.75 22.09
CA ASP A 164 -4.28 12.56 22.24
C ASP A 164 -4.56 14.05 22.52
N TRP A 165 -5.76 14.40 22.91
CA TRP A 165 -6.06 15.80 23.08
C TRP A 165 -7.12 16.01 24.13
N ASP A 166 -6.80 16.86 25.10
CA ASP A 166 -7.74 17.37 26.07
C ASP A 166 -8.13 18.78 25.66
N GLU A 167 -9.39 18.98 25.29
CA GLU A 167 -9.87 20.28 24.85
C GLU A 167 -9.94 21.30 25.97
N SER A 168 -10.08 20.89 27.22
CA SER A 168 -10.26 21.84 28.32
C SER A 168 -8.98 22.62 28.63
N ARG A 169 -7.85 21.92 28.73
CA ARG A 169 -6.58 22.53 29.01
C ARG A 169 -5.84 22.80 27.72
N LYS A 170 -6.35 22.25 26.61
CA LYS A 170 -5.87 22.51 25.24
C LYS A 170 -4.52 21.90 25.09
N LEU A 171 -4.40 20.65 25.50
CA LEU A 171 -3.11 20.03 25.67
C LEU A 171 -3.00 18.72 24.90
N ASN A 172 -1.87 18.54 24.22
CA ASN A 172 -1.60 17.34 23.46
C ASN A 172 -0.70 16.36 24.21
N ARG A 173 -1.35 15.35 24.80
CA ARG A 173 -0.69 14.22 25.51
C ARG A 173 -1.45 12.94 25.16
N ILE A 174 -0.85 11.78 25.38
CA ILE A 174 -1.59 10.52 25.29
C ILE A 174 -2.34 10.18 26.60
N TYR A 175 -3.66 10.18 26.49
CA TYR A 175 -4.58 9.91 27.57
C TYR A 175 -5.24 8.55 27.38
N LYS A 176 -5.23 7.74 28.42
CA LYS A 176 -5.94 6.43 28.45
C LYS A 176 -7.15 6.57 29.34
N PHE A 177 -8.32 6.21 28.82
CA PHE A 177 -9.58 6.40 29.53
C PHE A 177 -9.77 5.42 30.69
N GLN A 178 -10.52 5.88 31.67
CA GLN A 178 -10.82 5.10 32.86
C GLN A 178 -11.44 3.78 32.48
N GLY A 179 -10.90 2.69 33.04
CA GLY A 179 -11.40 1.35 32.81
C GLY A 179 -10.95 0.73 31.52
N LYS A 180 -10.15 1.44 30.74
CA LYS A 180 -9.65 0.90 29.49
C LYS A 180 -8.23 0.38 29.61
N ALA A 181 -7.91 -0.53 28.70
CA ALA A 181 -6.56 -1.07 28.58
C ALA A 181 -6.23 -1.06 27.11
N TRP A 182 -4.97 -0.75 26.78
CA TRP A 182 -4.51 -0.84 25.40
C TRP A 182 -4.71 -2.28 24.95
N ASP A 183 -5.10 -2.44 23.69
CA ASP A 183 -5.38 -3.74 23.07
C ASP A 183 -4.09 -4.50 22.86
N TRP A 184 -4.18 -5.84 22.89
N TRP A 184 -4.18 -5.83 22.86
CA TRP A 184 -3.06 -6.72 22.59
CA TRP A 184 -3.06 -6.72 22.61
C TRP A 184 -3.66 -7.88 21.74
C TRP A 184 -3.66 -7.89 21.76
N GLU A 185 -2.95 -8.45 20.77
CA GLU A 185 -1.57 -8.08 20.37
C GLU A 185 -1.51 -6.94 19.36
N VAL A 186 -0.61 -6.01 19.62
CA VAL A 186 -0.25 -4.93 18.69
C VAL A 186 1.27 -4.85 18.67
N SER A 187 1.84 -3.95 17.89
CA SER A 187 3.28 -3.74 17.90
C SER A 187 3.72 -3.43 19.32
N ASN A 188 4.86 -3.99 19.72
CA ASN A 188 5.46 -3.71 21.04
C ASN A 188 6.36 -2.46 21.03
N GLU A 189 6.43 -1.75 19.90
CA GLU A 189 7.11 -0.46 19.87
C GLU A 189 6.40 0.49 20.82
N ASN A 190 7.18 1.35 21.46
CA ASN A 190 6.69 2.26 22.49
C ASN A 190 5.95 1.52 23.59
N GLY A 191 6.46 0.35 23.94
CA GLY A 191 5.81 -0.54 24.91
C GLY A 191 4.61 -1.26 24.33
N ASN A 192 3.62 -0.48 23.90
CA ASN A 192 2.47 -0.97 23.20
C ASN A 192 2.08 0.15 22.22
N TYR A 193 1.93 -0.17 20.94
CA TYR A 193 1.65 0.86 19.91
C TYR A 193 0.19 0.89 19.48
N ASP A 194 -0.72 0.50 20.37
CA ASP A 194 -2.13 0.58 20.08
C ASP A 194 -2.52 2.02 19.75
N TYR A 195 -2.08 2.98 20.57
CA TYR A 195 -2.43 4.38 20.34
C TYR A 195 -1.61 4.94 19.18
N LEU A 196 -2.27 5.53 18.19
CA LEU A 196 -1.56 6.24 17.09
C LEU A 196 -1.98 7.69 16.99
N MET A 197 -3.27 7.94 16.85
CA MET A 197 -3.82 9.24 16.48
C MET A 197 -5.32 9.29 16.74
N TYR A 198 -5.88 10.49 16.85
CA TYR A 198 -7.31 10.73 17.09
C TYR A 198 -7.84 9.88 18.25
N ALA A 199 -9.11 9.43 18.20
CA ALA A 199 -9.69 8.59 19.26
C ALA A 199 -9.45 7.12 18.90
N ASP A 200 -8.74 6.41 19.76
CA ASP A 200 -8.32 5.04 19.43
C ASP A 200 -9.41 4.04 19.74
N ILE A 201 -9.80 3.24 18.75
CA ILE A 201 -10.94 2.34 18.91
C ILE A 201 -10.55 1.24 19.90
N ASP A 202 -11.48 0.89 20.80
CA ASP A 202 -11.28 -0.18 21.76
C ASP A 202 -11.76 -1.53 21.20
N TYR A 203 -10.83 -2.34 20.69
CA TYR A 203 -11.16 -3.69 20.18
C TYR A 203 -11.35 -4.78 21.26
N ASP A 204 -11.32 -4.41 22.54
CA ASP A 204 -11.87 -5.26 23.62
C ASP A 204 -13.40 -5.13 23.75
N HIS A 205 -13.99 -4.09 23.15
CA HIS A 205 -15.43 -3.83 23.30
C HIS A 205 -16.22 -4.70 22.30
N PRO A 206 -17.11 -5.58 22.79
CA PRO A 206 -17.80 -6.49 21.86
C PRO A 206 -18.81 -5.84 20.90
N ASP A 207 -19.45 -4.73 21.28
CA ASP A 207 -20.29 -3.99 20.32
C ASP A 207 -19.48 -3.36 19.19
N VAL A 208 -18.26 -2.96 19.49
CA VAL A 208 -17.34 -2.34 18.52
C VAL A 208 -16.87 -3.37 17.50
N THR A 209 -16.45 -4.55 17.97
CA THR A 209 -16.02 -5.60 17.09
C THR A 209 -17.16 -6.04 16.19
N ALA A 210 -18.38 -6.18 16.73
CA ALA A 210 -19.54 -6.52 15.91
C ALA A 210 -19.82 -5.42 14.88
N GLU A 211 -19.75 -4.17 15.29
CA GLU A 211 -20.11 -3.07 14.39
C GLU A 211 -19.09 -2.91 13.26
N ILE A 212 -17.80 -2.96 13.59
CA ILE A 212 -16.78 -2.80 12.53
C ILE A 212 -16.88 -3.95 11.52
N LYS A 213 -17.21 -5.16 11.99
CA LYS A 213 -17.45 -6.30 11.09
C LYS A 213 -18.66 -6.07 10.16
N ARG A 214 -19.77 -5.63 10.75
CA ARG A 214 -21.00 -5.32 9.99
C ARG A 214 -20.74 -4.22 8.95
N TRP A 215 -20.06 -3.15 9.37
CA TRP A 215 -19.66 -2.09 8.44
C TRP A 215 -18.80 -2.66 7.29
N GLY A 216 -17.87 -3.57 7.58
CA GLY A 216 -17.01 -4.16 6.56
C GLY A 216 -17.77 -4.81 5.41
N THR A 217 -18.77 -5.63 5.76
CA THR A 217 -19.66 -6.21 4.77
C THR A 217 -20.44 -5.15 4.00
N TRP A 218 -20.96 -4.16 4.73
CA TRP A 218 -21.73 -3.08 4.08
C TRP A 218 -20.86 -2.32 3.04
N TYR A 219 -19.63 -2.00 3.43
CA TYR A 219 -18.67 -1.28 2.59
C TYR A 219 -18.36 -2.08 1.33
N ALA A 220 -18.06 -3.36 1.51
CA ALA A 220 -17.84 -4.28 0.37
C ALA A 220 -19.03 -4.30 -0.61
N ASN A 221 -20.26 -4.44 -0.10
CA ASN A 221 -21.48 -4.42 -0.91
C ASN A 221 -21.70 -3.09 -1.60
N GLU A 222 -21.56 -2.01 -0.85
CA GLU A 222 -21.89 -0.68 -1.34
C GLU A 222 -21.03 -0.27 -2.53
N LEU A 223 -19.76 -0.68 -2.53
CA LEU A 223 -18.81 -0.33 -3.57
C LEU A 223 -18.43 -1.52 -4.46
N GLN A 224 -19.05 -2.68 -4.25
CA GLN A 224 -18.73 -3.89 -5.01
C GLN A 224 -17.21 -4.15 -5.03
N LEU A 225 -16.62 -4.04 -3.84
CA LEU A 225 -15.21 -4.25 -3.68
C LEU A 225 -14.81 -5.70 -3.95
N ASP A 226 -13.63 -5.87 -4.52
CA ASP A 226 -13.03 -7.19 -4.69
C ASP A 226 -12.02 -7.57 -3.62
N GLY A 227 -11.72 -6.62 -2.73
CA GLY A 227 -10.67 -6.82 -1.76
C GLY A 227 -10.41 -5.57 -0.94
N PHE A 228 -9.40 -5.63 -0.10
CA PHE A 228 -9.14 -4.59 0.87
C PHE A 228 -7.66 -4.27 1.04
N ARG A 229 -7.40 -3.00 1.40
CA ARG A 229 -6.10 -2.61 1.90
C ARG A 229 -6.35 -2.14 3.34
N LEU A 230 -5.67 -2.77 4.31
CA LEU A 230 -5.86 -2.47 5.73
C LEU A 230 -4.83 -1.48 6.23
N ASP A 231 -5.34 -0.36 6.76
CA ASP A 231 -4.51 0.73 7.20
C ASP A 231 -3.98 0.48 8.63
N ALA A 232 -2.72 0.78 8.84
CA ALA A 232 -2.15 1.02 10.19
C ALA A 232 -2.28 -0.20 11.09
N VAL A 233 -2.11 -1.39 10.52
CA VAL A 233 -2.45 -2.63 11.26
C VAL A 233 -1.57 -2.97 12.45
N LYS A 234 -0.37 -2.41 12.51
CA LYS A 234 0.44 -2.58 13.73
C LYS A 234 -0.12 -1.87 14.99
N HIS A 235 -1.14 -1.05 14.80
CA HIS A 235 -1.86 -0.35 15.87
C HIS A 235 -3.23 -0.97 16.18
N ILE A 236 -3.54 -2.12 15.59
CA ILE A 236 -4.85 -2.76 15.70
C ILE A 236 -4.68 -4.23 16.10
N LYS A 237 -5.42 -4.62 17.14
CA LYS A 237 -5.45 -5.98 17.66
C LYS A 237 -5.37 -7.04 16.57
N PHE A 238 -4.28 -7.81 16.53
CA PHE A 238 -4.07 -8.70 15.38
C PHE A 238 -5.16 -9.76 15.21
N SER A 239 -5.60 -10.38 16.30
CA SER A 239 -6.66 -11.41 16.23
C SER A 239 -7.97 -10.83 15.66
N PHE A 240 -8.27 -9.56 15.98
CA PHE A 240 -9.43 -8.89 15.46
C PHE A 240 -9.30 -8.74 13.93
N LEU A 241 -8.14 -8.30 13.45
CA LEU A 241 -7.96 -8.15 11.99
C LEU A 241 -8.12 -9.49 11.28
N ARG A 242 -7.56 -10.56 11.84
CA ARG A 242 -7.79 -11.91 11.29
C ARG A 242 -9.30 -12.22 11.17
N ASP A 243 -10.02 -11.99 12.28
CA ASP A 243 -11.44 -12.34 12.41
C ASP A 243 -12.28 -11.49 11.44
N TRP A 244 -11.91 -10.22 11.31
CA TRP A 244 -12.59 -9.27 10.40
C TRP A 244 -12.48 -9.71 8.95
N VAL A 245 -11.28 -10.13 8.55
CA VAL A 245 -11.07 -10.64 7.18
C VAL A 245 -11.87 -11.91 6.92
N ASN A 246 -11.82 -12.87 7.85
CA ASN A 246 -12.63 -14.07 7.72
C ASN A 246 -14.13 -13.75 7.66
N HIS A 247 -14.55 -12.82 8.51
CA HIS A 247 -15.95 -12.44 8.58
C HIS A 247 -16.47 -11.89 7.26
N VAL A 248 -15.76 -10.91 6.71
CA VAL A 248 -16.22 -10.27 5.48
C VAL A 248 -16.20 -11.27 4.32
N ARG A 249 -15.20 -12.14 4.28
CA ARG A 249 -15.17 -13.19 3.27
C ARG A 249 -16.36 -14.15 3.37
N GLU A 250 -16.72 -14.48 4.60
CA GLU A 250 -17.83 -15.36 4.83
C GLU A 250 -19.14 -14.68 4.44
N LYS A 251 -19.34 -13.43 4.85
CA LYS A 251 -20.61 -12.75 4.54
C LYS A 251 -20.76 -12.44 3.05
N THR A 252 -19.69 -11.99 2.41
CA THR A 252 -19.75 -11.70 0.96
C THR A 252 -19.72 -12.96 0.08
N GLY A 253 -19.14 -14.04 0.59
CA GLY A 253 -18.86 -15.22 -0.23
C GLY A 253 -17.85 -14.99 -1.32
N LYS A 254 -17.00 -13.96 -1.18
CA LYS A 254 -15.96 -13.63 -2.16
C LYS A 254 -14.57 -13.84 -1.58
N GLU A 255 -13.61 -14.03 -2.47
CA GLU A 255 -12.23 -14.21 -2.07
C GLU A 255 -11.72 -12.99 -1.25
N MET A 256 -12.06 -11.76 -1.68
CA MET A 256 -11.61 -10.52 -1.02
C MET A 256 -10.12 -10.56 -0.68
N PHE A 257 -9.30 -10.55 -1.73
CA PHE A 257 -7.88 -10.37 -1.55
C PHE A 257 -7.64 -9.21 -0.58
N THR A 258 -6.81 -9.42 0.43
CA THR A 258 -6.48 -8.38 1.37
C THR A 258 -4.96 -8.22 1.56
N VAL A 259 -4.51 -6.97 1.59
CA VAL A 259 -3.14 -6.64 1.91
C VAL A 259 -3.14 -5.60 3.04
N ALA A 260 -2.31 -5.86 4.06
CA ALA A 260 -2.22 -4.99 5.21
C ALA A 260 -0.94 -4.16 5.19
N GLU A 261 -1.05 -2.88 5.56
N GLU A 261 -1.08 -2.91 5.60
CA GLU A 261 0.15 -2.07 5.75
CA GLU A 261 0.07 -2.02 5.82
C GLU A 261 0.61 -2.12 7.20
C GLU A 261 0.58 -2.14 7.24
N TYR A 262 1.55 -3.04 7.44
CA TYR A 262 2.25 -3.20 8.70
C TYR A 262 3.57 -2.47 8.53
N TRP A 263 3.67 -1.26 9.04
CA TRP A 263 4.87 -0.46 8.78
C TRP A 263 6.02 -0.71 9.73
N GLN A 264 6.90 -1.62 9.35
CA GLN A 264 8.12 -1.83 10.11
C GLN A 264 9.15 -2.40 9.17
N ASN A 265 10.33 -1.80 9.15
CA ASN A 265 11.43 -2.31 8.35
C ASN A 265 12.06 -3.52 9.08
N ASP A 266 11.29 -4.59 9.24
CA ASP A 266 11.78 -5.75 10.00
C ASP A 266 11.05 -7.02 9.61
N LEU A 267 11.76 -7.93 8.96
CA LEU A 267 11.11 -9.15 8.47
C LEU A 267 10.49 -9.98 9.59
N GLY A 268 11.21 -10.13 10.71
CA GLY A 268 10.70 -10.82 11.89
C GLY A 268 9.36 -10.30 12.41
N ALA A 269 9.21 -8.98 12.51
CA ALA A 269 7.94 -8.40 12.99
C ALA A 269 6.80 -8.73 12.02
N LEU A 270 7.11 -8.60 10.75
CA LEU A 270 6.15 -8.90 9.70
C LEU A 270 5.76 -10.35 9.74
N GLU A 271 6.74 -11.24 9.90
CA GLU A 271 6.45 -12.67 10.03
C GLU A 271 5.58 -13.00 11.24
N ASN A 272 5.85 -12.32 12.36
CA ASN A 272 4.99 -12.47 13.55
C ASN A 272 3.55 -12.06 13.23
N TYR A 273 3.37 -10.93 12.58
CA TYR A 273 2.03 -10.49 12.14
C TYR A 273 1.34 -11.53 11.25
N LEU A 274 2.08 -12.07 10.27
CA LEU A 274 1.52 -13.10 9.38
C LEU A 274 1.09 -14.31 10.18
N ASN A 275 1.95 -14.75 11.11
CA ASN A 275 1.62 -15.92 11.94
C ASN A 275 0.39 -15.70 12.81
N LYS A 276 0.28 -14.52 13.40
CA LYS A 276 -0.82 -14.20 14.29
C LYS A 276 -2.13 -13.91 13.55
N THR A 277 -2.07 -13.65 12.25
CA THR A 277 -3.27 -13.56 11.43
C THR A 277 -3.50 -14.81 10.55
N ASN A 278 -2.79 -15.91 10.88
CA ASN A 278 -2.92 -17.22 10.17
C ASN A 278 -2.66 -17.19 8.68
N PHE A 279 -1.82 -16.25 8.24
CA PHE A 279 -1.52 -16.07 6.84
C PHE A 279 -2.77 -15.85 5.99
N ASN A 280 -3.84 -15.28 6.56
CA ASN A 280 -5.06 -15.10 5.75
C ASN A 280 -5.00 -13.88 4.83
N HIS A 281 -3.98 -13.04 4.98
CA HIS A 281 -3.81 -11.91 4.09
C HIS A 281 -2.35 -11.53 3.92
N SER A 282 -2.10 -10.70 2.89
CA SER A 282 -0.75 -10.29 2.52
C SER A 282 -0.35 -9.03 3.28
N VAL A 283 0.93 -8.71 3.20
CA VAL A 283 1.48 -7.48 3.74
C VAL A 283 2.31 -6.79 2.67
N PHE A 284 2.45 -5.49 2.80
CA PHE A 284 3.36 -4.74 1.93
C PHE A 284 4.77 -5.06 2.34
N ASP A 285 5.64 -5.19 1.35
CA ASP A 285 7.03 -5.56 1.59
C ASP A 285 7.86 -4.34 1.94
N VAL A 286 7.74 -3.93 3.19
CA VAL A 286 8.36 -2.73 3.68
C VAL A 286 9.90 -2.82 3.66
N PRO A 287 10.46 -3.98 4.08
CA PRO A 287 11.90 -4.08 4.01
C PRO A 287 12.50 -3.91 2.60
N LEU A 288 11.81 -4.42 1.59
CA LEU A 288 12.28 -4.23 0.23
C LEU A 288 12.25 -2.77 -0.17
N HIS A 289 11.19 -2.06 0.23
CA HIS A 289 11.16 -0.64 -0.01
C HIS A 289 12.41 0.06 0.59
N TYR A 290 12.80 -0.30 1.80
CA TYR A 290 13.97 0.33 2.44
C TYR A 290 15.28 -0.06 1.80
N GLN A 291 15.37 -1.26 1.22
CA GLN A 291 16.57 -1.60 0.42
C GLN A 291 16.64 -0.74 -0.85
N PHE A 292 15.51 -0.54 -1.52
CA PHE A 292 15.48 0.33 -2.68
C PHE A 292 15.95 1.73 -2.28
N HIS A 293 15.43 2.26 -1.19
CA HIS A 293 15.80 3.59 -0.75
C HIS A 293 17.30 3.63 -0.45
N ALA A 294 17.80 2.59 0.24
CA ALA A 294 19.25 2.52 0.55
C ALA A 294 20.14 2.50 -0.69
N ALA A 295 19.84 1.61 -1.63
CA ALA A 295 20.57 1.54 -2.90
C ALA A 295 20.56 2.91 -3.63
N SER A 296 19.40 3.57 -3.63
CA SER A 296 19.21 4.80 -4.36
C SER A 296 19.97 5.98 -3.79
N THR A 297 20.34 5.90 -2.50
CA THR A 297 21.03 6.98 -1.82
C THR A 297 22.52 6.72 -1.60
N GLN A 298 23.05 5.53 -1.94
CA GLN A 298 24.47 5.22 -1.68
C GLN A 298 25.43 5.28 -2.85
N GLY A 299 25.03 5.85 -3.98
CA GLY A 299 25.99 6.19 -5.04
C GLY A 299 26.79 5.06 -5.70
N GLY A 300 26.25 3.84 -5.69
CA GLY A 300 27.00 2.65 -6.12
C GLY A 300 27.61 1.86 -4.97
N GLY A 301 27.68 2.44 -3.78
CA GLY A 301 28.26 1.76 -2.62
C GLY A 301 27.45 0.61 -2.07
N TYR A 302 26.16 0.54 -2.40
CA TYR A 302 25.28 -0.51 -1.89
C TYR A 302 25.68 -1.84 -2.52
N ASP A 303 25.69 -2.90 -1.73
CA ASP A 303 25.83 -4.24 -2.26
C ASP A 303 24.48 -4.74 -2.80
N MET A 304 24.33 -4.73 -4.12
CA MET A 304 23.06 -5.12 -4.77
C MET A 304 22.67 -6.56 -4.53
N ARG A 305 23.61 -7.39 -4.10
CA ARG A 305 23.31 -8.77 -3.72
C ARG A 305 22.34 -8.86 -2.58
N LYS A 306 22.32 -7.83 -1.73
CA LYS A 306 21.43 -7.79 -0.58
C LYS A 306 19.97 -7.81 -0.92
N LEU A 307 19.62 -7.42 -2.15
CA LEU A 307 18.23 -7.39 -2.59
C LEU A 307 17.52 -8.73 -2.50
N LEU A 308 18.25 -9.84 -2.44
CA LEU A 308 17.65 -11.15 -2.38
C LEU A 308 17.25 -11.60 -0.98
N ASN A 309 17.67 -10.90 0.06
CA ASN A 309 17.46 -11.35 1.46
C ASN A 309 16.80 -10.30 2.31
N GLY A 310 16.19 -10.74 3.41
CA GLY A 310 15.62 -9.85 4.41
C GLY A 310 14.33 -9.18 3.99
N THR A 311 13.70 -9.68 2.94
CA THR A 311 12.44 -9.12 2.48
C THR A 311 11.29 -10.08 2.62
N VAL A 312 10.08 -9.53 2.65
CA VAL A 312 8.93 -10.40 2.71
C VAL A 312 8.90 -11.30 1.47
N VAL A 313 9.20 -10.73 0.30
CA VAL A 313 9.11 -11.51 -0.93
C VAL A 313 10.15 -12.64 -0.99
N SER A 314 11.27 -12.48 -0.31
CA SER A 314 12.29 -13.56 -0.27
C SER A 314 11.84 -14.78 0.52
N LYS A 315 11.00 -14.59 1.54
CA LYS A 315 10.51 -15.71 2.37
C LYS A 315 9.06 -16.11 2.18
N HIS A 316 8.20 -15.15 1.86
CA HIS A 316 6.76 -15.40 1.75
C HIS A 316 6.22 -14.70 0.52
N PRO A 317 6.62 -15.17 -0.66
CA PRO A 317 6.24 -14.50 -1.89
C PRO A 317 4.75 -14.41 -2.14
N VAL A 318 3.98 -15.42 -1.73
CA VAL A 318 2.54 -15.41 -1.96
C VAL A 318 1.83 -14.43 -1.02
N LYS A 319 2.51 -13.92 0.01
CA LYS A 319 1.95 -12.94 0.92
C LYS A 319 2.62 -11.58 0.89
N ALA A 320 3.43 -11.32 -0.14
CA ALA A 320 4.13 -10.04 -0.29
C ALA A 320 3.50 -9.21 -1.38
N VAL A 321 3.11 -7.99 -1.04
CA VAL A 321 2.84 -6.99 -2.08
C VAL A 321 4.04 -6.09 -2.14
N THR A 322 4.77 -6.16 -3.24
CA THR A 322 5.99 -5.41 -3.42
C THR A 322 5.68 -4.04 -3.99
N PHE A 323 6.50 -3.05 -3.64
CA PHE A 323 6.31 -1.67 -4.06
C PHE A 323 7.60 -0.85 -3.97
N VAL A 324 7.59 0.29 -4.62
CA VAL A 324 8.77 1.15 -4.65
C VAL A 324 8.62 2.32 -3.70
N ASP A 325 7.51 3.04 -3.83
CA ASP A 325 7.15 4.14 -2.92
C ASP A 325 5.65 4.17 -2.75
N ASN A 326 5.24 4.87 -1.70
CA ASN A 326 3.81 5.07 -1.46
C ASN A 326 3.53 6.47 -0.87
N HIS A 327 2.28 6.67 -0.41
CA HIS A 327 1.86 7.96 0.10
C HIS A 327 2.49 8.37 1.45
N ASP A 328 3.03 7.42 2.19
CA ASP A 328 3.80 7.68 3.40
C ASP A 328 5.29 7.90 3.18
N THR A 329 5.84 7.32 2.13
CA THR A 329 7.26 7.45 1.85
C THR A 329 7.60 8.58 0.87
N GLN A 330 6.59 9.12 0.17
CA GLN A 330 6.80 10.22 -0.78
C GLN A 330 7.33 11.48 -0.05
N PRO A 331 7.94 12.41 -0.82
CA PRO A 331 8.55 13.58 -0.20
C PRO A 331 7.58 14.40 0.64
N GLY A 332 8.07 14.78 1.83
CA GLY A 332 7.30 15.53 2.81
C GLY A 332 6.46 14.75 3.81
N GLN A 333 6.23 13.45 3.59
CA GLN A 333 5.31 12.70 4.41
C GLN A 333 5.98 11.98 5.56
N SER A 334 5.15 11.39 6.42
CA SER A 334 5.54 10.98 7.78
C SER A 334 6.58 9.86 7.82
N LEU A 335 6.57 8.97 6.82
CA LEU A 335 7.59 7.91 6.73
C LEU A 335 8.56 8.11 5.52
N GLU A 336 8.90 9.38 5.25
CA GLU A 336 9.62 9.76 4.04
C GLU A 336 10.91 8.95 3.90
N SER A 337 11.03 8.29 2.76
CA SER A 337 12.19 7.45 2.44
C SER A 337 12.07 7.22 0.96
N THR A 338 12.15 8.30 0.21
CA THR A 338 11.83 8.23 -1.20
C THR A 338 12.95 7.52 -1.96
N VAL A 339 12.58 6.62 -2.87
CA VAL A 339 13.54 5.95 -3.75
C VAL A 339 13.90 6.98 -4.81
N GLN A 340 15.17 7.36 -4.85
CA GLN A 340 15.62 8.47 -5.69
C GLN A 340 15.33 8.21 -7.16
N THR A 341 15.01 9.28 -7.86
CA THR A 341 14.50 9.18 -9.23
C THR A 341 15.37 8.35 -10.20
N TRP A 342 16.69 8.48 -10.09
CA TRP A 342 17.57 7.73 -11.00
C TRP A 342 17.42 6.20 -10.85
N PHE A 343 17.17 5.74 -9.62
CA PHE A 343 17.08 4.33 -9.32
C PHE A 343 15.68 3.77 -9.49
N LYS A 344 14.69 4.64 -9.55
CA LYS A 344 13.31 4.21 -9.47
C LYS A 344 12.93 3.21 -10.58
N PRO A 345 13.37 3.42 -11.82
CA PRO A 345 13.05 2.38 -12.84
C PRO A 345 13.69 1.01 -12.58
N LEU A 346 14.86 1.01 -11.96
CA LEU A 346 15.56 -0.22 -11.64
C LEU A 346 14.75 -1.00 -10.60
N ALA A 347 14.25 -0.28 -9.58
CA ALA A 347 13.36 -0.88 -8.59
C ALA A 347 12.06 -1.41 -9.20
N TYR A 348 11.48 -0.69 -10.15
CA TYR A 348 10.28 -1.14 -10.81
C TYR A 348 10.57 -2.41 -11.64
N ALA A 349 11.74 -2.49 -12.26
CA ALA A 349 12.14 -3.75 -12.93
C ALA A 349 12.18 -4.92 -11.95
N PHE A 350 12.76 -4.66 -10.79
CA PHE A 350 12.87 -5.68 -9.77
C PHE A 350 11.51 -6.22 -9.35
N ILE A 351 10.55 -5.33 -9.09
CA ILE A 351 9.24 -5.81 -8.63
C ILE A 351 8.35 -6.33 -9.75
N LEU A 352 8.48 -5.74 -10.94
CA LEU A 352 7.58 -6.10 -12.04
C LEU A 352 8.00 -7.30 -12.87
N THR A 353 9.29 -7.55 -13.04
CA THR A 353 9.70 -8.62 -13.95
C THR A 353 10.18 -9.92 -13.29
N ARG A 354 10.23 -9.93 -11.97
CA ARG A 354 10.58 -11.15 -11.25
C ARG A 354 9.31 -11.92 -10.91
N GLU A 355 9.50 -13.20 -10.68
CA GLU A 355 8.41 -14.14 -10.59
C GLU A 355 7.64 -14.06 -9.27
N ALA A 356 8.30 -13.61 -8.20
CA ALA A 356 7.73 -13.62 -6.85
C ALA A 356 7.08 -12.30 -6.52
N GLY A 357 6.02 -12.38 -5.72
CA GLY A 357 5.38 -11.20 -5.18
C GLY A 357 4.32 -10.63 -6.09
N TYR A 358 3.41 -9.87 -5.49
CA TYR A 358 2.33 -9.16 -6.17
C TYR A 358 2.75 -7.69 -6.25
N PRO A 359 3.18 -7.22 -7.46
CA PRO A 359 3.75 -5.85 -7.47
C PRO A 359 2.76 -4.75 -7.55
N GLN A 360 3.11 -3.61 -6.97
CA GLN A 360 2.27 -2.45 -6.98
C GLN A 360 3.00 -1.21 -7.49
N ILE A 361 2.34 -0.56 -8.43
CA ILE A 361 2.78 0.69 -8.99
C ILE A 361 2.12 1.88 -8.26
N PHE A 362 2.88 2.94 -8.07
CA PHE A 362 2.42 4.10 -7.33
C PHE A 362 2.00 5.22 -8.28
N TYR A 363 0.81 5.73 -8.05
CA TYR A 363 0.29 6.89 -8.79
C TYR A 363 1.26 8.05 -8.78
N GLY A 364 1.89 8.34 -7.63
CA GLY A 364 2.85 9.43 -7.51
C GLY A 364 4.11 9.25 -8.38
N ASP A 365 4.47 8.01 -8.65
CA ASP A 365 5.58 7.67 -9.57
C ASP A 365 5.17 7.75 -11.02
N MET A 366 3.95 7.32 -11.31
CA MET A 366 3.47 7.39 -12.70
C MET A 366 3.29 8.83 -13.14
N TYR A 367 2.55 9.57 -12.33
CA TYR A 367 2.06 10.88 -12.71
C TYR A 367 2.73 12.03 -11.96
N GLY A 368 3.65 11.73 -11.07
CA GLY A 368 4.29 12.76 -10.27
C GLY A 368 3.46 13.09 -9.05
N THR A 369 4.13 13.66 -8.05
CA THR A 369 3.48 14.17 -6.83
C THR A 369 3.31 15.69 -6.87
N LYS A 370 2.23 16.20 -6.26
CA LYS A 370 1.86 17.62 -6.36
C LYS A 370 2.02 18.33 -5.03
N GLY A 371 2.98 17.93 -4.20
CA GLY A 371 3.31 18.70 -3.03
C GLY A 371 3.90 20.06 -3.41
N ALA A 372 4.16 20.88 -2.40
CA ALA A 372 4.60 22.25 -2.61
C ALA A 372 6.15 22.41 -2.61
N SER A 373 6.88 21.31 -2.54
CA SER A 373 8.34 21.34 -2.47
C SER A 373 8.99 21.35 -3.86
N GLN A 374 10.32 21.50 -3.86
CA GLN A 374 11.18 21.30 -5.03
C GLN A 374 11.85 19.93 -5.06
N ARG A 375 11.26 18.99 -4.32
CA ARG A 375 11.76 17.61 -4.21
C ARG A 375 10.66 16.64 -4.63
N GLU A 376 9.63 17.09 -5.32
CA GLU A 376 8.52 16.19 -5.67
C GLU A 376 9.01 15.11 -6.63
N ILE A 377 8.34 13.97 -6.60
CA ILE A 377 8.65 12.90 -7.55
C ILE A 377 8.15 13.36 -8.92
N PRO A 378 9.01 13.29 -9.94
CA PRO A 378 8.57 13.68 -11.28
C PRO A 378 7.74 12.57 -11.87
N ALA A 379 6.89 12.91 -12.84
CA ALA A 379 6.08 11.92 -13.55
C ALA A 379 7.03 10.96 -14.28
N LEU A 380 7.00 9.67 -13.96
CA LEU A 380 7.89 8.69 -14.61
C LEU A 380 7.17 7.64 -15.43
N LYS A 381 5.91 7.91 -15.72
CA LYS A 381 5.08 7.06 -16.58
C LYS A 381 5.84 6.49 -17.81
N HIS A 382 6.57 7.35 -18.51
CA HIS A 382 7.20 6.91 -19.74
C HIS A 382 8.33 5.95 -19.51
N LYS A 383 9.00 6.04 -18.37
CA LYS A 383 10.05 5.09 -18.03
C LYS A 383 9.47 3.80 -17.43
N ILE A 384 8.29 3.87 -16.82
CA ILE A 384 7.69 2.69 -16.18
C ILE A 384 6.92 1.82 -17.18
N GLU A 385 6.26 2.47 -18.14
CA GLU A 385 5.44 1.77 -19.17
C GLU A 385 6.13 0.60 -19.87
N PRO A 386 7.39 0.76 -20.32
CA PRO A 386 8.07 -0.41 -20.94
C PRO A 386 8.29 -1.58 -19.99
N ILE A 387 8.50 -1.26 -18.71
CA ILE A 387 8.66 -2.26 -17.66
C ILE A 387 7.30 -2.94 -17.40
N LEU A 388 6.22 -2.17 -17.39
CA LEU A 388 4.87 -2.74 -17.25
C LEU A 388 4.59 -3.69 -18.40
N LYS A 389 4.93 -3.27 -19.61
CA LYS A 389 4.79 -4.12 -20.79
C LYS A 389 5.65 -5.42 -20.70
N ALA A 390 6.89 -5.30 -20.21
CA ALA A 390 7.70 -6.47 -19.92
C ALA A 390 6.95 -7.45 -19.01
N ARG A 391 6.34 -6.93 -17.95
CA ARG A 391 5.58 -7.80 -17.05
C ARG A 391 4.39 -8.42 -17.75
N LYS A 392 3.63 -7.60 -18.46
CA LYS A 392 2.37 -8.06 -19.03
C LYS A 392 2.60 -9.11 -20.11
N GLN A 393 3.58 -8.86 -20.98
CA GLN A 393 3.79 -9.69 -22.15
C GLN A 393 4.97 -10.66 -22.09
N TYR A 394 5.97 -10.40 -21.23
CA TYR A 394 7.23 -11.17 -21.29
C TYR A 394 7.72 -11.88 -20.05
N ALA A 395 7.26 -11.48 -18.87
CA ALA A 395 7.79 -11.99 -17.62
C ALA A 395 7.04 -13.26 -17.21
N TYR A 396 7.37 -14.35 -17.90
CA TYR A 396 6.77 -15.67 -17.70
C TYR A 396 7.85 -16.75 -17.72
N GLY A 397 7.55 -17.88 -17.08
CA GLY A 397 8.39 -19.07 -17.16
C GLY A 397 9.51 -19.04 -16.15
N ALA A 398 10.33 -20.10 -16.19
CA ALA A 398 11.38 -20.31 -15.20
C ALA A 398 12.37 -19.13 -15.08
N GLN A 399 12.77 -18.84 -13.85
CA GLN A 399 13.62 -17.69 -13.55
C GLN A 399 15.03 -18.11 -13.23
N HIS A 400 16.02 -17.35 -13.70
CA HIS A 400 17.44 -17.55 -13.33
C HIS A 400 18.04 -16.26 -12.77
N ASP A 401 18.68 -16.37 -11.61
CA ASP A 401 19.16 -15.19 -10.90
C ASP A 401 20.66 -15.04 -11.07
N TYR A 402 21.10 -13.80 -11.20
CA TYR A 402 22.52 -13.45 -11.33
C TYR A 402 22.86 -12.29 -10.42
N PHE A 403 22.82 -12.55 -9.12
CA PHE A 403 23.21 -11.55 -8.12
C PHE A 403 24.61 -11.96 -7.65
N ASP A 404 25.56 -11.65 -8.50
CA ASP A 404 26.90 -12.21 -8.44
C ASP A 404 27.94 -11.08 -8.49
N HIS A 405 27.54 -9.88 -8.05
CA HIS A 405 28.30 -8.66 -8.25
C HIS A 405 27.68 -7.59 -7.36
N HIS A 406 28.57 -6.72 -6.85
CA HIS A 406 28.22 -5.59 -5.98
C HIS A 406 27.25 -4.58 -6.66
N ASN A 407 27.38 -4.43 -7.97
CA ASN A 407 26.67 -3.42 -8.75
C ASN A 407 25.69 -3.97 -9.78
N ILE A 408 26.21 -4.75 -10.73
CA ILE A 408 25.45 -5.25 -11.85
C ILE A 408 24.82 -6.56 -11.46
N VAL A 409 23.50 -6.54 -11.26
CA VAL A 409 22.74 -7.77 -11.01
C VAL A 409 21.69 -7.97 -12.10
N GLY A 410 21.27 -9.22 -12.27
CA GLY A 410 20.34 -9.54 -13.31
C GLY A 410 19.55 -10.78 -13.05
N TRP A 411 18.56 -10.97 -13.92
CA TRP A 411 17.75 -12.19 -13.90
C TRP A 411 17.12 -12.40 -15.27
N THR A 412 16.76 -13.64 -15.55
CA THR A 412 16.11 -13.98 -16.80
C THR A 412 14.80 -14.74 -16.51
N ARG A 413 13.96 -14.76 -17.52
CA ARG A 413 12.75 -15.54 -17.53
C ARG A 413 12.74 -16.26 -18.86
N GLU A 414 12.54 -17.57 -18.81
CA GLU A 414 12.66 -18.42 -20.02
C GLU A 414 11.49 -18.25 -20.96
N GLY A 415 10.39 -17.68 -20.50
CA GLY A 415 9.16 -17.68 -21.29
C GLY A 415 8.36 -18.94 -20.98
N ASP A 416 7.07 -18.86 -21.30
CA ASP A 416 6.13 -19.97 -21.14
C ASP A 416 5.43 -20.15 -22.49
N SER A 417 5.21 -21.38 -22.90
CA SER A 417 4.52 -21.61 -24.18
C SER A 417 3.05 -21.07 -24.16
N SER A 418 2.46 -20.91 -22.98
CA SER A 418 1.15 -20.24 -22.89
C SER A 418 1.12 -18.74 -23.26
N VAL A 419 2.25 -18.05 -23.25
CA VAL A 419 2.32 -16.64 -23.63
C VAL A 419 3.32 -16.55 -24.78
N ALA A 420 2.82 -16.37 -26.00
CA ALA A 420 3.67 -16.39 -27.19
C ALA A 420 4.75 -15.34 -27.11
N ASN A 421 5.98 -15.73 -27.45
CA ASN A 421 7.12 -14.82 -27.52
C ASN A 421 7.61 -14.31 -26.17
N SER A 422 7.19 -14.95 -25.09
CA SER A 422 7.56 -14.53 -23.75
C SER A 422 9.00 -14.94 -23.44
N GLY A 423 9.54 -14.33 -22.40
CA GLY A 423 10.92 -14.51 -21.99
C GLY A 423 11.55 -13.15 -21.91
N LEU A 424 12.48 -12.98 -20.98
CA LEU A 424 13.20 -11.72 -20.86
C LEU A 424 14.53 -11.89 -20.14
N ALA A 425 15.37 -10.88 -20.28
CA ALA A 425 16.68 -10.83 -19.61
C ALA A 425 16.85 -9.43 -19.09
N ALA A 426 16.84 -9.29 -17.76
CA ALA A 426 16.89 -7.99 -17.09
C ALA A 426 18.24 -7.75 -16.44
N LEU A 427 18.73 -6.53 -16.56
CA LEU A 427 19.92 -6.10 -15.83
C LEU A 427 19.69 -4.75 -15.20
N ILE A 428 20.16 -4.60 -13.96
CA ILE A 428 20.19 -3.32 -13.28
C ILE A 428 21.54 -3.12 -12.63
N THR A 429 21.94 -1.87 -12.48
CA THR A 429 23.16 -1.53 -11.76
C THR A 429 23.06 -0.20 -11.07
N ASP A 430 23.50 -0.16 -9.81
CA ASP A 430 23.60 1.10 -9.05
C ASP A 430 24.90 1.82 -9.27
N GLY A 431 25.80 1.25 -10.06
CA GLY A 431 27.09 1.85 -10.38
C GLY A 431 27.41 1.78 -11.86
N PRO A 432 28.70 1.57 -12.20
CA PRO A 432 29.08 1.43 -13.60
C PRO A 432 28.32 0.33 -14.35
N GLY A 433 28.09 0.58 -15.65
CA GLY A 433 27.49 -0.40 -16.54
C GLY A 433 28.50 -1.46 -16.93
N GLY A 434 28.07 -2.36 -17.81
CA GLY A 434 28.95 -3.41 -18.33
C GLY A 434 28.08 -4.47 -18.96
N THR A 435 28.57 -5.70 -18.94
CA THR A 435 27.90 -6.82 -19.57
C THR A 435 27.74 -7.96 -18.58
N LYS A 436 26.82 -8.83 -18.89
CA LYS A 436 26.65 -10.08 -18.17
C LYS A 436 26.08 -11.08 -19.13
N ARG A 437 26.67 -12.26 -19.17
CA ARG A 437 26.13 -13.38 -19.95
C ARG A 437 25.12 -14.09 -19.06
N MET A 438 23.92 -14.31 -19.59
CA MET A 438 22.85 -14.95 -18.84
C MET A 438 22.13 -15.98 -19.70
N TYR A 439 21.64 -17.04 -19.05
CA TYR A 439 20.88 -18.14 -19.66
C TYR A 439 19.38 -17.82 -19.70
N VAL A 440 18.81 -17.87 -20.90
CA VAL A 440 17.41 -17.55 -21.14
C VAL A 440 16.59 -18.77 -21.55
N GLY A 441 17.22 -19.94 -21.65
CA GLY A 441 16.55 -21.14 -22.12
C GLY A 441 17.03 -21.56 -23.50
N ARG A 442 17.49 -22.81 -23.63
CA ARG A 442 17.81 -23.37 -24.96
C ARG A 442 16.68 -23.26 -25.97
N GLN A 443 15.43 -23.29 -25.49
CA GLN A 443 14.27 -23.10 -26.37
C GLN A 443 14.21 -21.75 -27.07
N ASN A 444 14.98 -20.78 -26.54
CA ASN A 444 15.08 -19.46 -27.15
C ASN A 444 16.29 -19.31 -28.09
N ALA A 445 17.07 -20.37 -28.28
CA ALA A 445 18.27 -20.37 -29.16
C ALA A 445 18.05 -19.68 -30.51
N GLY A 446 18.92 -18.72 -30.86
CA GLY A 446 18.87 -18.05 -32.17
C GLY A 446 17.87 -16.91 -32.33
N GLU A 447 17.08 -16.65 -31.28
CA GLU A 447 16.17 -15.52 -31.27
C GLU A 447 17.00 -14.25 -31.13
N THR A 448 16.47 -13.16 -31.67
CA THR A 448 17.06 -11.84 -31.57
C THR A 448 16.23 -11.02 -30.60
N TRP A 449 16.89 -10.57 -29.53
CA TRP A 449 16.27 -9.83 -28.45
C TRP A 449 16.76 -8.39 -28.45
N HIS A 450 15.95 -7.49 -27.94
CA HIS A 450 16.24 -6.07 -27.88
C HIS A 450 15.70 -5.49 -26.56
N ASP A 451 16.29 -4.37 -26.16
CA ASP A 451 16.02 -3.75 -24.87
C ASP A 451 14.70 -3.00 -24.97
N ILE A 452 13.67 -3.54 -24.33
CA ILE A 452 12.33 -2.91 -24.39
C ILE A 452 12.30 -1.51 -23.79
N THR A 453 13.23 -1.16 -22.90
CA THR A 453 13.28 0.21 -22.33
C THR A 453 13.86 1.24 -23.29
N GLY A 454 14.54 0.81 -24.33
CA GLY A 454 15.25 1.71 -25.25
C GLY A 454 16.53 2.30 -24.70
N ASN A 455 16.98 1.86 -23.53
CA ASN A 455 18.19 2.43 -22.93
C ASN A 455 19.40 1.95 -23.70
N ARG A 456 19.39 0.69 -24.14
CA ARG A 456 20.42 0.12 -25.03
C ARG A 456 19.83 -0.12 -26.43
N SER A 457 20.57 0.21 -27.49
CA SER A 457 20.01 0.04 -28.83
C SER A 457 20.53 -1.21 -29.56
N ASP A 458 21.43 -1.95 -28.92
CA ASP A 458 22.01 -3.15 -29.52
C ASP A 458 21.03 -4.33 -29.45
N SER A 459 21.09 -5.22 -30.44
CA SER A 459 20.37 -6.49 -30.43
C SER A 459 21.24 -7.56 -29.83
N VAL A 460 20.64 -8.56 -29.22
CA VAL A 460 21.37 -9.71 -28.70
C VAL A 460 20.80 -10.99 -29.32
N VAL A 461 21.65 -11.75 -29.98
CA VAL A 461 21.22 -13.04 -30.53
C VAL A 461 21.57 -14.13 -29.52
N ILE A 462 20.57 -14.94 -29.16
CA ILE A 462 20.74 -15.97 -28.13
C ILE A 462 21.48 -17.11 -28.80
N ASN A 463 22.53 -17.63 -28.18
CA ASN A 463 23.30 -18.70 -28.83
C ASN A 463 22.62 -20.07 -28.72
N ALA A 464 23.24 -21.10 -29.30
CA ALA A 464 22.68 -22.45 -29.36
C ALA A 464 22.47 -23.06 -28.00
N GLU A 465 23.27 -22.63 -27.02
CA GLU A 465 23.27 -23.15 -25.67
C GLU A 465 22.27 -22.38 -24.78
N GLY A 466 21.57 -21.40 -25.35
CA GLY A 466 20.58 -20.60 -24.63
C GLY A 466 21.09 -19.36 -23.90
N TRP A 467 22.34 -18.97 -24.14
CA TRP A 467 22.93 -17.82 -23.45
C TRP A 467 23.01 -16.62 -24.36
N GLY A 468 22.83 -15.43 -23.78
CA GLY A 468 23.05 -14.18 -24.51
C GLY A 468 24.01 -13.30 -23.74
N GLU A 469 24.69 -12.41 -24.44
CA GLU A 469 25.55 -11.41 -23.81
C GLU A 469 24.80 -10.06 -23.74
N PHE A 470 24.33 -9.74 -22.53
CA PHE A 470 23.45 -8.59 -22.31
C PHE A 470 24.21 -7.39 -21.72
N HIS A 471 23.83 -6.18 -22.13
CA HIS A 471 24.50 -4.95 -21.71
C HIS A 471 23.59 -4.10 -20.87
N VAL A 472 24.19 -3.29 -19.99
CA VAL A 472 23.47 -2.28 -19.24
C VAL A 472 24.37 -1.03 -19.11
N ASN A 473 23.75 0.15 -19.19
CA ASN A 473 24.45 1.42 -18.96
C ASN A 473 24.61 1.70 -17.48
N GLY A 474 25.44 2.68 -17.20
CA GLY A 474 25.70 3.09 -15.83
C GLY A 474 24.44 3.56 -15.16
N GLY A 475 24.28 3.13 -13.90
CA GLY A 475 23.09 3.46 -13.10
C GLY A 475 21.76 3.28 -13.83
N SER A 476 21.63 2.21 -14.62
CA SER A 476 20.51 2.08 -15.54
C SER A 476 19.86 0.68 -15.41
N VAL A 477 18.90 0.48 -16.28
CA VAL A 477 18.17 -0.78 -16.41
C VAL A 477 18.05 -1.11 -17.91
N SER A 478 18.15 -2.38 -18.24
CA SER A 478 17.82 -2.87 -19.57
C SER A 478 17.04 -4.15 -19.40
N ILE A 479 16.02 -4.32 -20.26
CA ILE A 479 15.19 -5.53 -20.21
C ILE A 479 15.04 -5.99 -21.63
N TYR A 480 15.80 -7.03 -21.99
CA TYR A 480 15.80 -7.58 -23.33
C TYR A 480 14.67 -8.61 -23.48
N VAL A 481 13.96 -8.54 -24.61
CA VAL A 481 12.87 -9.41 -24.97
C VAL A 481 12.94 -9.67 -26.47
N GLN A 482 12.26 -10.68 -26.96
CA GLN A 482 12.28 -11.00 -28.39
C GLN A 482 11.66 -9.90 -29.22
N ARG A 483 12.39 -9.46 -30.26
CA ARG A 483 11.89 -8.50 -31.26
C ARG A 483 10.65 -9.09 -31.91
CA CA B . -5.17 1.20 17.98
CA CA C . -8.87 -1.83 24.85
NA NA D . -7.42 0.31 21.15
NA NA E . 26.64 -1.35 -5.66
C1 MLI F . 1.40 4.45 11.27
C2 MLI F . 1.26 3.27 10.32
C3 MLI F . 2.79 4.51 11.86
O6 MLI F . 1.20 2.10 10.75
O7 MLI F . 1.23 3.53 9.10
O8 MLI F . 3.15 3.59 12.63
O9 MLI F . 3.54 5.47 11.57
C FMT G . -4.62 13.98 15.89
O1 FMT G . -4.52 12.93 16.53
O2 FMT G . -3.52 14.62 15.46
C ACY H . -17.58 17.13 34.43
O ACY H . -16.40 16.84 34.75
OXT ACY H . -18.41 16.23 34.22
CH3 ACY H . -17.96 18.58 34.30
C ACY I . 27.85 -19.58 -22.45
O ACY I . 28.07 -18.48 -21.88
OXT ACY I . 27.37 -19.64 -23.60
CH3 ACY I . 28.18 -20.85 -21.71
C ACY J . -22.63 -8.54 8.89
O ACY J . -21.46 -8.51 8.44
OXT ACY J . -23.59 -8.21 8.15
CH3 ACY J . -22.86 -8.97 10.32
#